data_5YPR
#
_entry.id   5YPR
#
_cell.length_a   119.028
_cell.length_b   45.743
_cell.length_c   86.358
_cell.angle_alpha   90.00
_cell.angle_beta   103.22
_cell.angle_gamma   90.00
#
_symmetry.space_group_name_H-M   'C 1 2 1'
#
loop_
_entity.id
_entity.type
_entity.pdbx_description
1 polymer 'Disks large homolog 4'
2 polymer 'Synthesized GK inhibitor'
3 water water
#
loop_
_entity_poly.entity_id
_entity_poly.type
_entity_poly.pdbx_seq_one_letter_code
_entity_poly.pdbx_strand_id
1 'polypeptide(L)'
;MHHHHHHSSGLEVLFQGPGSEFNPKRGFYIRALFDYDKTKDCGFLSQALSFRFGDVLHVIDAGDEEWWQARRVHSDSETD
DIGFIPSKRRVERREWSRLKAKDWGSSSGSQGREDSVLSYETVTQMEVHYARPIIILGPTKDRANDDLLSEFPDKFGSCV
PHTTRPKREYEIDGRDYHFVSSREKMEKDIQAHKFIEAGQYNSHLYGTSVQSVREVAEQGKHCILDVSANAVRRLQAAHL
HPIAIFIRPRSLENVLEINKRITEEQARKAFDRATKLEQEFTECFSAIVEGDSFEEIYHKVKRVIEDLSGPYIWVPAR
;
A
2 'polypeptide(L)' RIRREEYRRAINGQSF B
#
# COMPACT_ATOMS: atom_id res chain seq x y z
N ARG A 26 30.86 4.40 -1.92
CA ARG A 26 30.25 4.80 -0.66
C ARG A 26 29.66 6.21 -0.76
N GLY A 27 28.35 6.32 -0.60
CA GLY A 27 27.48 5.19 -0.33
C GLY A 27 26.01 5.59 -0.37
N PHE A 28 25.16 4.68 -0.83
CA PHE A 28 23.74 4.99 -0.99
C PHE A 28 22.85 4.16 -0.07
N TYR A 29 21.55 4.46 -0.08
CA TYR A 29 20.59 3.72 0.74
C TYR A 29 19.70 2.86 -0.13
N ILE A 30 19.34 1.68 0.38
CA ILE A 30 18.62 0.69 -0.41
C ILE A 30 17.42 0.13 0.36
N ARG A 31 16.47 -0.47 -0.36
CA ARG A 31 15.29 -1.05 0.26
C ARG A 31 14.98 -2.43 -0.30
N ALA A 32 14.86 -3.41 0.59
CA ALA A 32 14.61 -4.79 0.18
C ALA A 32 13.20 -4.99 -0.34
N LEU A 33 13.10 -5.68 -1.48
CA LEU A 33 11.79 -6.00 -2.07
C LEU A 33 11.54 -7.50 -2.00
N PHE A 34 12.22 -8.17 -1.08
CA PHE A 34 12.11 -9.62 -0.93
C PHE A 34 12.66 -10.07 0.42
N ASP A 35 12.27 -11.28 0.83
CA ASP A 35 12.78 -11.88 2.05
C ASP A 35 14.06 -12.67 1.75
N TYR A 36 15.07 -12.47 2.59
CA TYR A 36 16.34 -13.17 2.40
C TYR A 36 16.84 -13.79 3.71
N ASP A 37 17.28 -15.05 3.63
CA ASP A 37 17.76 -15.78 4.80
C ASP A 37 19.22 -16.19 4.62
N LYS A 38 20.00 -16.12 5.70
CA LYS A 38 21.41 -16.48 5.68
C LYS A 38 21.65 -17.92 5.24
N THR A 39 20.95 -18.84 5.90
CA THR A 39 21.24 -20.27 5.77
C THR A 39 20.93 -20.85 4.38
N LYS A 40 19.89 -20.34 3.73
CA LYS A 40 19.45 -20.87 2.45
C LYS A 40 20.49 -20.63 1.35
N ASP A 41 21.18 -19.50 1.45
CA ASP A 41 22.22 -19.16 0.49
C ASP A 41 23.54 -19.80 0.91
N CYS A 42 24.21 -19.23 1.90
CA CYS A 42 25.53 -19.72 2.24
C CYS A 42 25.71 -19.96 3.69
N GLY A 43 24.70 -20.57 4.29
CA GLY A 43 24.74 -20.97 5.68
C GLY A 43 24.88 -19.77 6.60
N PHE A 44 24.87 -20.06 7.90
CA PHE A 44 25.10 -19.03 8.89
C PHE A 44 26.60 -18.78 9.03
N LEU A 45 27.39 -19.64 8.41
CA LEU A 45 28.84 -19.58 8.52
C LEU A 45 29.46 -18.49 7.64
N SER A 46 28.75 -17.38 7.50
CA SER A 46 29.26 -16.22 6.79
C SER A 46 29.02 -14.96 7.63
N GLN A 47 29.42 -13.82 7.11
CA GLN A 47 29.15 -12.55 7.77
C GLN A 47 27.90 -11.92 7.16
N ALA A 48 27.12 -12.75 6.48
CA ALA A 48 25.95 -12.29 5.74
C ALA A 48 24.87 -11.74 6.67
N LEU A 49 23.90 -11.05 6.08
CA LEU A 49 22.82 -10.42 6.84
C LEU A 49 21.46 -10.82 6.29
N SER A 50 20.61 -11.35 7.16
CA SER A 50 19.24 -11.65 6.79
C SER A 50 18.37 -10.41 6.93
N PHE A 51 17.40 -10.27 6.02
CA PHE A 51 16.48 -9.15 6.04
C PHE A 51 15.13 -9.52 5.45
N ARG A 52 14.11 -8.75 5.81
CA ARG A 52 12.76 -8.99 5.33
C ARG A 52 12.33 -7.90 4.34
N PHE A 53 11.20 -8.13 3.68
CA PHE A 53 10.65 -7.15 2.74
C PHE A 53 10.42 -5.81 3.42
N GLY A 54 10.93 -4.74 2.82
CA GLY A 54 10.72 -3.41 3.34
C GLY A 54 11.87 -2.87 4.18
N ASP A 55 12.83 -3.73 4.49
CA ASP A 55 14.01 -3.32 5.26
C ASP A 55 14.87 -2.35 4.46
N VAL A 56 15.26 -1.25 5.10
CA VAL A 56 16.11 -0.26 4.47
C VAL A 56 17.57 -0.43 4.91
N LEU A 57 18.44 -0.64 3.94
CA LEU A 57 19.85 -0.92 4.22
C LEU A 57 20.79 0.15 3.64
N HIS A 58 21.76 0.57 4.44
CA HIS A 58 22.76 1.51 3.98
C HIS A 58 24.02 0.76 3.53
N VAL A 59 24.33 0.84 2.24
CA VAL A 59 25.51 0.15 1.72
C VAL A 59 26.77 0.96 1.99
N ILE A 60 27.85 0.25 2.32
CA ILE A 60 29.13 0.88 2.58
C ILE A 60 30.09 0.66 1.42
N ASP A 61 30.07 -0.56 0.88
CA ASP A 61 30.90 -0.90 -0.27
C ASP A 61 30.14 -1.78 -1.26
N ALA A 62 29.96 -1.27 -2.47
CA ALA A 62 29.31 -2.03 -3.53
C ALA A 62 30.30 -2.36 -4.65
N GLY A 63 31.59 -2.33 -4.31
CA GLY A 63 32.64 -2.56 -5.29
C GLY A 63 32.65 -3.98 -5.82
N ASP A 64 32.44 -4.93 -4.92
CA ASP A 64 32.34 -6.33 -5.29
C ASP A 64 31.20 -6.49 -6.30
N GLU A 65 31.52 -7.12 -7.43
CA GLU A 65 30.60 -7.25 -8.56
C GLU A 65 29.37 -8.09 -8.24
N GLU A 66 29.46 -8.93 -7.22
CA GLU A 66 28.58 -10.08 -7.05
C GLU A 66 27.89 -10.00 -5.69
N TRP A 67 28.53 -9.37 -4.71
CA TRP A 67 28.00 -9.33 -3.37
C TRP A 67 28.25 -7.95 -2.71
N TRP A 68 27.34 -7.46 -1.85
CA TRP A 68 27.49 -6.08 -1.34
C TRP A 68 27.64 -5.87 0.19
N GLN A 69 28.48 -4.93 0.59
CA GLN A 69 28.67 -4.65 2.02
C GLN A 69 27.72 -3.54 2.50
N ALA A 70 26.94 -3.84 3.53
CA ALA A 70 25.94 -2.90 4.03
C ALA A 70 25.63 -3.07 5.51
N ARG A 71 24.77 -2.21 6.03
CA ARG A 71 24.35 -2.26 7.43
C ARG A 71 22.86 -1.87 7.56
N ARG A 72 22.17 -2.50 8.51
CA ARG A 72 20.75 -2.24 8.72
C ARG A 72 20.52 -0.87 9.36
N VAL A 73 19.49 -0.17 8.90
CA VAL A 73 19.16 1.15 9.43
C VAL A 73 18.26 1.04 10.67
N HIS A 74 18.07 -0.18 11.14
CA HIS A 74 17.27 -0.41 12.34
C HIS A 74 17.86 -1.53 13.20
N ASP A 81 24.04 -4.92 14.48
CA ASP A 81 23.24 -4.81 13.27
C ASP A 81 24.10 -4.37 12.08
N ILE A 82 25.32 -4.89 12.02
CA ILE A 82 26.24 -4.60 10.92
C ILE A 82 26.75 -5.90 10.32
N GLY A 83 26.71 -5.99 9.00
CA GLY A 83 27.14 -7.19 8.31
C GLY A 83 27.29 -7.02 6.82
N PHE A 84 26.51 -7.79 6.06
CA PHE A 84 26.71 -7.88 4.63
C PHE A 84 25.48 -8.49 3.92
N ILE A 85 25.14 -7.96 2.76
CA ILE A 85 23.95 -8.40 2.02
C ILE A 85 24.27 -8.72 0.55
N PRO A 86 23.52 -9.65 -0.06
CA PRO A 86 23.75 -9.96 -1.48
C PRO A 86 23.43 -8.79 -2.41
N SER A 87 23.87 -8.86 -3.65
CA SER A 87 23.73 -7.74 -4.60
C SER A 87 22.43 -7.81 -5.40
N LYS A 88 22.27 -6.86 -6.32
CA LYS A 88 21.05 -6.74 -7.11
C LYS A 88 21.13 -7.61 -8.37
N ARG A 89 22.28 -7.56 -9.04
CA ARG A 89 22.49 -8.36 -10.24
C ARG A 89 22.65 -9.84 -9.87
N ARG A 90 23.11 -10.09 -8.66
CA ARG A 90 23.33 -11.45 -8.17
C ARG A 90 22.02 -12.21 -8.00
N VAL A 91 21.08 -11.61 -7.26
CA VAL A 91 19.81 -12.25 -6.99
C VAL A 91 18.95 -12.35 -8.25
N GLU A 92 19.29 -11.53 -9.26
CA GLU A 92 18.62 -11.59 -10.55
C GLU A 92 19.06 -12.83 -11.31
N ARG A 93 20.23 -13.36 -10.94
CA ARG A 93 20.77 -14.55 -11.59
C ARG A 93 20.19 -15.83 -11.00
N ARG A 94 20.02 -15.84 -9.68
CA ARG A 94 19.47 -17.00 -8.99
C ARG A 94 18.05 -17.29 -9.47
N GLU A 95 17.12 -16.38 -9.16
CA GLU A 95 15.73 -16.54 -9.57
C GLU A 95 15.51 -16.00 -10.99
N SER A 116 13.06 -9.36 -15.33
CA SER A 116 12.16 -8.46 -14.61
C SER A 116 11.92 -8.95 -13.19
N VAL A 117 12.99 -9.36 -12.51
CA VAL A 117 12.91 -9.83 -11.14
C VAL A 117 13.09 -8.69 -10.15
N LEU A 118 12.44 -8.81 -8.99
CA LEU A 118 12.50 -7.77 -7.98
C LEU A 118 13.63 -7.99 -6.99
N SER A 119 14.48 -6.98 -6.85
CA SER A 119 15.63 -7.05 -5.97
C SER A 119 15.59 -5.95 -4.92
N TYR A 120 16.01 -4.76 -5.32
CA TYR A 120 16.03 -3.61 -4.42
C TYR A 120 15.56 -2.35 -5.13
N GLU A 121 15.27 -1.32 -4.36
CA GLU A 121 15.01 0.01 -4.90
C GLU A 121 15.75 1.05 -4.06
N THR A 122 16.40 1.98 -4.73
CA THR A 122 17.15 3.03 -4.04
C THR A 122 16.18 3.99 -3.37
N VAL A 123 16.46 4.33 -2.11
CA VAL A 123 15.56 5.19 -1.35
C VAL A 123 16.29 6.39 -0.74
N THR A 124 15.53 7.43 -0.41
CA THR A 124 16.08 8.62 0.22
C THR A 124 15.21 9.03 1.40
N GLN A 125 15.85 9.51 2.47
CA GLN A 125 15.10 9.94 3.65
C GLN A 125 14.43 11.29 3.38
N MET A 126 13.17 11.40 3.81
CA MET A 126 12.39 12.61 3.57
C MET A 126 11.55 12.96 4.80
N GLU A 127 11.48 14.25 5.12
CA GLU A 127 10.68 14.70 6.24
C GLU A 127 9.28 15.12 5.78
N VAL A 128 8.26 14.59 6.43
CA VAL A 128 6.88 14.96 6.12
C VAL A 128 6.22 15.66 7.30
N HIS A 129 5.28 16.53 7.00
CA HIS A 129 4.59 17.32 8.01
C HIS A 129 3.11 16.97 8.08
N TYR A 130 2.72 15.96 7.32
CA TYR A 130 1.35 15.49 7.29
C TYR A 130 1.26 14.06 7.84
N ALA A 131 0.04 13.58 8.05
CA ALA A 131 -0.17 12.18 8.42
C ALA A 131 -0.32 11.34 7.17
N ARG A 132 0.51 10.32 7.03
CA ARG A 132 0.49 9.46 5.85
C ARG A 132 -0.85 8.77 5.68
N PRO A 133 -1.43 8.84 4.47
CA PRO A 133 -2.66 8.11 4.14
C PRO A 133 -2.42 6.60 4.22
N ILE A 134 -3.50 5.83 4.30
CA ILE A 134 -3.38 4.38 4.43
C ILE A 134 -4.08 3.67 3.28
N ILE A 135 -3.41 2.67 2.72
CA ILE A 135 -4.01 1.83 1.69
C ILE A 135 -3.77 0.36 2.04
N ILE A 136 -4.77 -0.25 2.67
CA ILE A 136 -4.69 -1.67 3.02
C ILE A 136 -5.26 -2.51 1.89
N LEU A 137 -4.51 -3.53 1.48
CA LEU A 137 -4.90 -4.40 0.37
C LEU A 137 -4.79 -5.88 0.74
N GLY A 138 -5.56 -6.71 0.04
CA GLY A 138 -5.57 -8.14 0.32
C GLY A 138 -6.80 -8.55 1.13
N PRO A 139 -6.89 -9.84 1.47
CA PRO A 139 -8.01 -10.40 2.25
C PRO A 139 -8.24 -9.69 3.58
N THR A 140 -9.50 -9.52 3.94
CA THR A 140 -9.92 -8.89 5.21
C THR A 140 -9.49 -7.43 5.32
N LYS A 141 -9.22 -6.79 4.19
CA LYS A 141 -8.80 -5.40 4.20
C LYS A 141 -9.93 -4.49 4.69
N ASP A 142 -11.17 -4.85 4.36
CA ASP A 142 -12.32 -4.03 4.74
C ASP A 142 -12.53 -4.04 6.24
N ARG A 143 -12.35 -5.21 6.84
CA ARG A 143 -12.48 -5.34 8.29
C ARG A 143 -11.39 -4.54 9.00
N ALA A 144 -10.17 -4.60 8.46
CA ALA A 144 -9.06 -3.87 9.04
C ALA A 144 -9.29 -2.37 8.93
N ASN A 145 -9.77 -1.93 7.77
CA ASN A 145 -10.10 -0.52 7.55
C ASN A 145 -11.16 -0.01 8.53
N ASP A 146 -12.27 -0.75 8.65
CA ASP A 146 -13.36 -0.34 9.52
C ASP A 146 -12.95 -0.38 10.99
N ASP A 147 -12.13 -1.36 11.36
CA ASP A 147 -11.69 -1.52 12.74
C ASP A 147 -10.74 -0.39 13.18
N LEU A 148 -9.86 0.02 12.28
CA LEU A 148 -8.92 1.10 12.59
C LEU A 148 -9.66 2.40 12.86
N LEU A 149 -10.70 2.66 12.07
CA LEU A 149 -11.47 3.89 12.19
C LEU A 149 -12.31 3.93 13.46
N SER A 150 -12.93 2.81 13.82
CA SER A 150 -13.77 2.76 15.01
C SER A 150 -12.93 2.76 16.29
N GLU A 151 -11.78 2.10 16.24
CA GLU A 151 -10.95 1.95 17.44
C GLU A 151 -10.15 3.21 17.76
N PHE A 152 -9.61 3.86 16.72
CA PHE A 152 -8.82 5.07 16.89
C PHE A 152 -9.40 6.23 16.10
N PRO A 153 -10.51 6.83 16.60
CA PRO A 153 -11.18 7.90 15.87
C PRO A 153 -10.39 9.21 15.87
N ASP A 154 -9.47 9.36 16.81
CA ASP A 154 -8.69 10.58 16.92
C ASP A 154 -7.54 10.61 15.91
N LYS A 155 -7.14 9.45 15.41
CA LYS A 155 -5.97 9.38 14.55
C LYS A 155 -6.27 8.84 13.15
N PHE A 156 -7.46 8.30 12.96
CA PHE A 156 -7.86 7.79 11.64
C PHE A 156 -9.15 8.45 11.15
N GLY A 157 -9.17 8.80 9.88
CA GLY A 157 -10.35 9.39 9.25
C GLY A 157 -10.52 8.84 7.85
N SER A 158 -11.61 9.23 7.20
CA SER A 158 -11.88 8.78 5.83
C SER A 158 -12.31 9.97 4.98
N CYS A 159 -12.24 9.82 3.66
CA CYS A 159 -12.67 10.89 2.77
C CYS A 159 -13.79 10.41 1.86
N VAL A 160 -14.41 11.37 1.16
CA VAL A 160 -15.54 11.08 0.30
C VAL A 160 -15.16 11.19 -1.18
N PRO A 161 -15.57 10.20 -1.99
CA PRO A 161 -15.29 10.26 -3.42
C PRO A 161 -16.22 11.22 -4.17
N HIS A 162 -15.75 11.72 -5.31
CA HIS A 162 -16.55 12.57 -6.17
C HIS A 162 -17.32 11.77 -7.21
N THR A 163 -18.48 12.27 -7.62
CA THR A 163 -19.21 11.66 -8.73
C THR A 163 -19.97 12.70 -9.56
N THR A 164 -20.19 12.37 -10.83
CA THR A 164 -20.94 13.24 -11.74
C THR A 164 -22.37 12.76 -11.88
N ARG A 165 -22.69 11.64 -11.23
CA ARG A 165 -24.05 11.12 -11.20
C ARG A 165 -24.95 12.08 -10.41
N PRO A 166 -26.13 12.39 -10.97
CA PRO A 166 -27.13 13.21 -10.28
C PRO A 166 -27.48 12.67 -8.89
N LYS A 167 -27.41 13.53 -7.89
CA LYS A 167 -27.67 13.15 -6.50
C LYS A 167 -29.11 12.67 -6.29
N ARG A 168 -29.25 11.44 -5.81
CA ARG A 168 -30.57 10.92 -5.45
C ARG A 168 -31.06 11.61 -4.19
N GLU A 169 -32.39 11.66 -4.01
CA GLU A 169 -33.00 12.49 -2.97
C GLU A 169 -32.55 12.11 -1.57
N TYR A 170 -32.42 10.81 -1.30
CA TYR A 170 -32.05 10.37 0.05
C TYR A 170 -30.57 10.65 0.32
N GLU A 171 -29.76 10.64 -0.73
CA GLU A 171 -28.33 10.96 -0.61
C GLU A 171 -28.14 12.39 -0.13
N ILE A 172 -27.01 12.64 0.53
CA ILE A 172 -26.66 14.01 0.91
C ILE A 172 -25.24 14.35 0.43
N ASP A 173 -25.08 15.57 -0.07
CA ASP A 173 -23.81 16.01 -0.63
C ASP A 173 -22.76 16.21 0.47
N GLY A 174 -21.58 15.64 0.25
CA GLY A 174 -20.48 15.78 1.21
C GLY A 174 -20.34 14.61 2.16
N ARG A 175 -21.30 13.68 2.13
CA ARG A 175 -21.23 12.49 2.97
C ARG A 175 -21.27 11.22 2.14
N ASP A 176 -22.29 11.08 1.31
CA ASP A 176 -22.37 9.97 0.36
C ASP A 176 -21.33 10.17 -0.74
N TYR A 177 -21.45 11.30 -1.43
CA TYR A 177 -20.50 11.69 -2.45
C TYR A 177 -20.34 13.20 -2.45
N HIS A 178 -19.25 13.66 -3.06
CA HIS A 178 -19.15 15.06 -3.46
C HIS A 178 -19.77 15.16 -4.83
N PHE A 179 -21.02 15.60 -4.90
CA PHE A 179 -21.76 15.61 -6.16
C PHE A 179 -21.37 16.80 -7.03
N VAL A 180 -20.84 16.51 -8.21
CA VAL A 180 -20.41 17.54 -9.15
C VAL A 180 -21.42 17.73 -10.27
N SER A 181 -22.01 18.91 -10.33
CA SER A 181 -23.07 19.22 -11.29
C SER A 181 -22.55 19.25 -12.73
N SER A 182 -21.28 19.58 -12.90
CA SER A 182 -20.69 19.65 -14.24
C SER A 182 -19.75 18.48 -14.49
N ARG A 183 -20.19 17.54 -15.33
CA ARG A 183 -19.35 16.40 -15.67
C ARG A 183 -18.05 16.85 -16.30
N GLU A 184 -18.17 17.71 -17.31
CA GLU A 184 -17.02 18.21 -18.07
C GLU A 184 -15.91 18.75 -17.17
N LYS A 185 -16.30 19.38 -16.07
CA LYS A 185 -15.35 19.91 -15.12
C LYS A 185 -14.53 18.79 -14.46
N MET A 186 -15.18 17.68 -14.13
CA MET A 186 -14.47 16.57 -13.51
C MET A 186 -13.51 15.89 -14.48
N GLU A 187 -13.94 15.75 -15.74
CA GLU A 187 -13.09 15.13 -16.75
C GLU A 187 -11.80 15.91 -16.97
N LYS A 188 -11.87 17.23 -16.75
CA LYS A 188 -10.70 18.09 -16.93
C LYS A 188 -9.80 18.02 -15.71
N ASP A 189 -10.41 17.92 -14.54
CA ASP A 189 -9.66 17.74 -13.30
C ASP A 189 -8.92 16.41 -13.33
N ILE A 190 -9.55 15.40 -13.90
CA ILE A 190 -8.92 14.10 -14.09
C ILE A 190 -7.70 14.24 -15.00
N GLN A 191 -7.85 15.01 -16.08
CA GLN A 191 -6.75 15.26 -17.00
C GLN A 191 -5.67 16.14 -16.37
N ALA A 192 -6.04 16.90 -15.35
CA ALA A 192 -5.09 17.75 -14.64
C ALA A 192 -4.44 17.04 -13.44
N HIS A 193 -4.58 15.72 -13.39
CA HIS A 193 -3.98 14.88 -12.34
C HIS A 193 -4.52 15.18 -10.93
N LYS A 194 -5.78 15.60 -10.84
CA LYS A 194 -6.37 15.94 -9.56
C LYS A 194 -6.97 14.72 -8.84
N PHE A 195 -7.01 13.58 -9.53
CA PHE A 195 -7.61 12.37 -8.97
C PHE A 195 -6.63 11.21 -8.90
N ILE A 196 -6.54 10.57 -7.73
CA ILE A 196 -5.66 9.43 -7.56
C ILE A 196 -6.33 8.16 -8.05
N GLU A 197 -7.61 8.26 -8.37
CA GLU A 197 -8.38 7.11 -8.83
C GLU A 197 -9.68 7.61 -9.43
N ALA A 198 -10.06 7.06 -10.58
CA ALA A 198 -11.25 7.52 -11.27
C ALA A 198 -11.77 6.50 -12.26
N GLY A 199 -13.09 6.31 -12.29
CA GLY A 199 -13.69 5.33 -13.17
C GLY A 199 -15.07 5.70 -13.66
N GLN A 200 -15.74 4.75 -14.31
CA GLN A 200 -17.02 5.02 -14.93
C GLN A 200 -18.00 3.90 -14.59
N TYR A 201 -19.22 4.27 -14.21
CA TYR A 201 -20.29 3.30 -13.93
C TYR A 201 -21.65 3.86 -14.31
N ASN A 202 -22.35 3.16 -15.20
CA ASN A 202 -23.59 3.64 -15.78
C ASN A 202 -23.43 5.02 -16.39
N SER A 203 -22.36 5.19 -17.17
CA SER A 203 -22.05 6.44 -17.86
C SER A 203 -21.89 7.64 -16.92
N HIS A 204 -21.45 7.37 -15.69
CA HIS A 204 -21.17 8.43 -14.73
C HIS A 204 -19.76 8.31 -14.17
N LEU A 205 -19.11 9.44 -13.95
CA LEU A 205 -17.76 9.45 -13.43
C LEU A 205 -17.71 9.33 -11.91
N TYR A 206 -16.80 8.50 -11.42
CA TYR A 206 -16.56 8.38 -9.98
C TYR A 206 -15.06 8.56 -9.74
N GLY A 207 -14.70 9.18 -8.63
CA GLY A 207 -13.29 9.38 -8.33
C GLY A 207 -12.94 9.88 -6.95
N THR A 208 -11.75 9.51 -6.49
CA THR A 208 -11.20 10.01 -5.23
C THR A 208 -10.11 11.04 -5.51
N SER A 209 -10.36 12.30 -5.16
CA SER A 209 -9.44 13.38 -5.48
C SER A 209 -8.27 13.43 -4.50
N VAL A 210 -7.14 13.96 -4.95
CA VAL A 210 -5.97 14.10 -4.11
C VAL A 210 -6.24 15.11 -2.99
N GLN A 211 -7.05 16.13 -3.31
CA GLN A 211 -7.40 17.15 -2.33
C GLN A 211 -8.21 16.58 -1.16
N SER A 212 -9.12 15.66 -1.44
CA SER A 212 -9.90 15.00 -0.39
C SER A 212 -8.99 14.26 0.58
N VAL A 213 -7.99 13.58 0.04
CA VAL A 213 -7.04 12.85 0.85
C VAL A 213 -6.16 13.81 1.66
N ARG A 214 -5.63 14.82 0.98
CA ARG A 214 -4.72 15.77 1.60
C ARG A 214 -5.36 16.54 2.75
N GLU A 215 -6.66 16.81 2.63
CA GLU A 215 -7.37 17.55 3.67
C GLU A 215 -7.40 16.77 4.99
N VAL A 216 -7.61 15.46 4.90
CA VAL A 216 -7.57 14.60 6.08
C VAL A 216 -6.14 14.52 6.62
N ALA A 217 -5.18 14.37 5.71
CA ALA A 217 -3.78 14.20 6.08
C ALA A 217 -3.21 15.44 6.79
N GLU A 218 -3.66 16.61 6.39
CA GLU A 218 -3.14 17.86 6.95
C GLU A 218 -3.83 18.24 8.26
N GLN A 219 -4.79 17.42 8.68
CA GLN A 219 -5.43 17.59 9.97
C GLN A 219 -4.88 16.58 10.97
N GLY A 220 -3.74 15.99 10.60
CA GLY A 220 -3.02 15.10 11.50
C GLY A 220 -3.54 13.67 11.57
N LYS A 221 -4.57 13.36 10.76
CA LYS A 221 -5.17 12.03 10.80
C LYS A 221 -4.83 11.20 9.56
N HIS A 222 -4.55 9.92 9.79
CA HIS A 222 -4.31 8.98 8.71
C HIS A 222 -5.59 8.71 7.93
N CYS A 223 -5.57 9.00 6.64
CA CYS A 223 -6.75 8.78 5.80
C CYS A 223 -6.81 7.31 5.35
N ILE A 224 -7.78 6.59 5.90
CA ILE A 224 -8.03 5.21 5.49
C ILE A 224 -8.71 5.21 4.13
N LEU A 225 -8.01 4.71 3.12
CA LEU A 225 -8.50 4.79 1.74
C LEU A 225 -9.00 3.45 1.23
N ASP A 226 -10.17 3.47 0.60
CA ASP A 226 -10.67 2.33 -0.14
C ASP A 226 -10.35 2.53 -1.63
N VAL A 227 -9.08 2.32 -1.97
CA VAL A 227 -8.64 2.49 -3.36
C VAL A 227 -7.81 1.29 -3.81
N SER A 228 -7.52 1.24 -5.10
CA SER A 228 -6.69 0.18 -5.66
C SER A 228 -5.21 0.51 -5.50
N ALA A 229 -4.35 -0.44 -5.85
CA ALA A 229 -2.91 -0.28 -5.69
C ALA A 229 -2.35 0.76 -6.66
N ASN A 230 -3.07 1.04 -7.73
CA ASN A 230 -2.64 2.03 -8.71
C ASN A 230 -2.61 3.43 -8.12
N ALA A 231 -3.38 3.64 -7.05
CA ALA A 231 -3.43 4.95 -6.39
C ALA A 231 -2.13 5.26 -5.65
N VAL A 232 -1.36 4.23 -5.34
CA VAL A 232 -0.11 4.40 -4.61
C VAL A 232 0.86 5.29 -5.39
N ARG A 233 1.09 4.96 -6.66
CA ARG A 233 2.00 5.74 -7.51
C ARG A 233 1.53 7.19 -7.66
N ARG A 234 0.24 7.38 -7.89
CA ARG A 234 -0.32 8.71 -8.11
C ARG A 234 -0.22 9.56 -6.85
N LEU A 235 -0.36 8.94 -5.68
CA LEU A 235 -0.21 9.66 -4.43
C LEU A 235 1.25 10.05 -4.21
N GLN A 236 2.16 9.18 -4.61
CA GLN A 236 3.58 9.48 -4.54
C GLN A 236 3.94 10.65 -5.46
N ALA A 237 3.40 10.62 -6.67
CA ALA A 237 3.59 11.71 -7.62
C ALA A 237 3.00 13.02 -7.11
N ALA A 238 2.02 12.92 -6.21
CA ALA A 238 1.41 14.11 -5.63
C ALA A 238 2.10 14.48 -4.32
N HIS A 239 3.20 13.79 -4.04
CA HIS A 239 4.00 14.00 -2.83
C HIS A 239 3.18 13.85 -1.55
N LEU A 240 2.35 12.81 -1.54
CA LEU A 240 1.52 12.49 -0.39
C LEU A 240 1.62 10.98 -0.16
N HIS A 241 2.77 10.52 0.31
CA HIS A 241 3.09 9.10 0.29
C HIS A 241 2.30 8.29 1.32
N PRO A 242 1.56 7.29 0.84
CA PRO A 242 0.69 6.47 1.67
C PRO A 242 1.44 5.29 2.27
N ILE A 243 0.93 4.79 3.39
CA ILE A 243 1.39 3.52 3.91
C ILE A 243 0.57 2.44 3.22
N ALA A 244 1.18 1.74 2.28
CA ALA A 244 0.52 0.67 1.56
C ALA A 244 0.84 -0.67 2.20
N ILE A 245 -0.18 -1.31 2.77
CA ILE A 245 0.00 -2.58 3.47
C ILE A 245 -0.71 -3.71 2.74
N PHE A 246 0.04 -4.73 2.37
CA PHE A 246 -0.53 -5.90 1.69
C PHE A 246 -0.68 -7.07 2.65
N ILE A 247 -1.93 -7.47 2.90
CA ILE A 247 -2.21 -8.66 3.68
C ILE A 247 -2.07 -9.88 2.78
N ARG A 248 -1.06 -10.70 3.04
CA ARG A 248 -0.76 -11.84 2.16
C ARG A 248 -1.18 -13.17 2.77
N PRO A 249 -2.14 -13.85 2.11
CA PRO A 249 -2.54 -15.18 2.53
C PRO A 249 -1.44 -16.21 2.24
N ARG A 250 -1.15 -17.07 3.20
CA ARG A 250 -0.11 -18.08 3.04
C ARG A 250 -0.59 -19.20 2.13
N SER A 251 -1.90 -19.41 2.10
CA SER A 251 -2.51 -20.45 1.29
C SER A 251 -4.01 -20.27 1.24
N LEU A 252 -4.70 -21.13 0.49
CA LEU A 252 -6.15 -21.12 0.45
C LEU A 252 -6.72 -21.40 1.83
N GLU A 253 -6.10 -22.36 2.53
CA GLU A 253 -6.53 -22.71 3.87
C GLU A 253 -6.34 -21.55 4.85
N ASN A 254 -5.27 -20.79 4.65
CA ASN A 254 -4.97 -19.64 5.50
C ASN A 254 -6.05 -18.56 5.38
N VAL A 255 -6.64 -18.44 4.20
CA VAL A 255 -7.71 -17.48 3.97
C VAL A 255 -8.90 -17.75 4.89
N LEU A 256 -9.26 -19.02 5.01
CA LEU A 256 -10.36 -19.43 5.86
C LEU A 256 -10.00 -19.25 7.35
N GLU A 257 -8.71 -19.21 7.64
CA GLU A 257 -8.24 -18.99 9.00
C GLU A 257 -8.39 -17.52 9.40
N ILE A 258 -8.05 -16.62 8.48
CA ILE A 258 -8.10 -15.18 8.77
C ILE A 258 -9.48 -14.60 8.48
N ASN A 259 -10.28 -15.36 7.72
CA ASN A 259 -11.68 -14.99 7.48
C ASN A 259 -12.57 -16.22 7.65
N LYS A 260 -13.11 -16.38 8.85
CA LYS A 260 -13.90 -17.57 9.19
C LYS A 260 -15.37 -17.41 8.82
N ARG A 261 -15.69 -16.40 8.04
CA ARG A 261 -17.07 -16.10 7.69
C ARG A 261 -17.45 -16.53 6.28
N ILE A 262 -16.56 -16.27 5.33
CA ILE A 262 -16.85 -16.53 3.93
C ILE A 262 -16.75 -18.01 3.59
N THR A 263 -17.38 -18.39 2.48
CA THR A 263 -17.34 -19.76 2.00
C THR A 263 -16.02 -20.07 1.32
N GLU A 264 -15.78 -21.34 1.04
CA GLU A 264 -14.55 -21.77 0.37
C GLU A 264 -14.50 -21.23 -1.06
N GLU A 265 -15.66 -21.16 -1.70
CA GLU A 265 -15.75 -20.64 -3.07
C GLU A 265 -15.30 -19.19 -3.13
N GLN A 266 -15.65 -18.42 -2.11
CA GLN A 266 -15.24 -17.03 -2.01
C GLN A 266 -13.78 -16.92 -1.60
N ALA A 267 -13.30 -17.89 -0.83
CA ALA A 267 -11.93 -17.90 -0.37
C ALA A 267 -10.95 -18.14 -1.52
N ARG A 268 -11.33 -19.01 -2.45
CA ARG A 268 -10.49 -19.32 -3.59
C ARG A 268 -10.36 -18.11 -4.52
N LYS A 269 -11.46 -17.38 -4.70
CA LYS A 269 -11.45 -16.18 -5.54
C LYS A 269 -10.62 -15.09 -4.90
N ALA A 270 -10.75 -14.94 -3.59
CA ALA A 270 -9.96 -13.96 -2.84
C ALA A 270 -8.48 -14.31 -2.89
N PHE A 271 -8.17 -15.59 -2.85
CA PHE A 271 -6.78 -16.04 -2.87
C PHE A 271 -6.14 -15.81 -4.24
N ASP A 272 -6.90 -16.08 -5.30
CA ASP A 272 -6.41 -15.86 -6.66
C ASP A 272 -6.18 -14.38 -6.91
N ARG A 273 -7.07 -13.54 -6.39
CA ARG A 273 -6.94 -12.09 -6.55
C ARG A 273 -5.72 -11.58 -5.79
N ALA A 274 -5.45 -12.18 -4.64
CA ALA A 274 -4.31 -11.79 -3.81
C ALA A 274 -2.99 -12.15 -4.48
N THR A 275 -2.92 -13.34 -5.08
CA THR A 275 -1.70 -13.78 -5.76
C THR A 275 -1.42 -12.89 -6.97
N LYS A 276 -2.47 -12.54 -7.70
CA LYS A 276 -2.35 -11.67 -8.86
C LYS A 276 -1.96 -10.25 -8.45
N LEU A 277 -2.45 -9.83 -7.29
CA LEU A 277 -2.14 -8.50 -6.78
C LEU A 277 -0.67 -8.39 -6.41
N GLU A 278 -0.14 -9.42 -5.76
CA GLU A 278 1.25 -9.44 -5.33
C GLU A 278 2.19 -9.48 -6.54
N GLN A 279 1.75 -10.12 -7.61
CA GLN A 279 2.55 -10.23 -8.83
C GLN A 279 2.86 -8.86 -9.42
N GLU A 280 1.89 -7.96 -9.37
CA GLU A 280 1.99 -6.70 -10.10
C GLU A 280 2.46 -5.52 -9.24
N PHE A 281 2.02 -5.46 -7.98
CA PHE A 281 2.23 -4.25 -7.20
C PHE A 281 3.13 -4.41 -5.98
N THR A 282 3.94 -5.45 -5.96
CA THR A 282 4.83 -5.73 -4.82
C THR A 282 5.75 -4.53 -4.52
N GLU A 283 6.26 -3.89 -5.57
CA GLU A 283 7.12 -2.71 -5.41
C GLU A 283 6.41 -1.59 -4.66
N CYS A 284 5.10 -1.48 -4.86
CA CYS A 284 4.33 -0.39 -4.27
C CYS A 284 4.01 -0.63 -2.80
N PHE A 285 4.22 -1.86 -2.33
CA PHE A 285 3.88 -2.22 -0.95
C PHE A 285 4.87 -1.61 0.03
N SER A 286 4.35 -0.91 1.03
CA SER A 286 5.18 -0.42 2.13
C SER A 286 5.53 -1.58 3.06
N ALA A 287 4.65 -2.56 3.11
CA ALA A 287 4.85 -3.73 3.97
C ALA A 287 3.96 -4.89 3.56
N ILE A 288 4.41 -6.09 3.90
CA ILE A 288 3.62 -7.30 3.69
C ILE A 288 3.41 -8.01 5.02
N VAL A 289 2.16 -8.22 5.39
CA VAL A 289 1.86 -8.87 6.66
C VAL A 289 1.16 -10.21 6.46
N GLU A 290 1.47 -11.16 7.33
CA GLU A 290 0.84 -12.47 7.32
C GLU A 290 0.37 -12.83 8.72
N GLY A 291 -0.47 -13.86 8.82
CA GLY A 291 -0.97 -14.31 10.11
C GLY A 291 -1.85 -15.54 10.00
N ASP A 292 -2.05 -16.22 11.12
CA ASP A 292 -2.93 -17.39 11.16
C ASP A 292 -4.30 -17.02 11.70
N SER A 293 -4.47 -15.73 12.01
CA SER A 293 -5.75 -15.18 12.42
C SER A 293 -5.82 -13.72 12.02
N PHE A 294 -7.04 -13.17 11.96
CA PHE A 294 -7.20 -11.77 11.62
C PHE A 294 -6.64 -10.88 12.73
N GLU A 295 -6.79 -11.33 13.97
CA GLU A 295 -6.32 -10.56 15.13
C GLU A 295 -4.81 -10.34 15.07
N GLU A 296 -4.07 -11.32 14.55
CA GLU A 296 -2.63 -11.19 14.41
C GLU A 296 -2.26 -10.25 13.27
N ILE A 297 -3.00 -10.37 12.16
CA ILE A 297 -2.84 -9.48 11.02
C ILE A 297 -3.11 -8.03 11.44
N TYR A 298 -4.21 -7.85 12.17
CA TYR A 298 -4.57 -6.53 12.68
C TYR A 298 -3.48 -6.01 13.61
N HIS A 299 -2.96 -6.89 14.45
CA HIS A 299 -1.86 -6.56 15.35
C HIS A 299 -0.64 -6.05 14.59
N LYS A 300 -0.34 -6.68 13.46
CA LYS A 300 0.83 -6.30 12.65
C LYS A 300 0.57 -5.00 11.90
N VAL A 301 -0.65 -4.82 11.40
CA VAL A 301 -1.03 -3.61 10.69
C VAL A 301 -0.83 -2.38 11.57
N LYS A 302 -1.23 -2.48 12.83
CA LYS A 302 -1.06 -1.39 13.80
C LYS A 302 0.41 -1.07 14.01
N ARG A 303 1.25 -2.11 14.09
CA ARG A 303 2.67 -1.92 14.32
C ARG A 303 3.34 -1.28 13.12
N VAL A 304 2.98 -1.73 11.92
CA VAL A 304 3.52 -1.19 10.68
C VAL A 304 3.20 0.29 10.55
N ILE A 305 1.96 0.65 10.84
CA ILE A 305 1.52 2.04 10.77
C ILE A 305 2.34 2.91 11.72
N GLU A 306 2.51 2.44 12.95
CA GLU A 306 3.29 3.17 13.94
C GLU A 306 4.74 3.35 13.50
N ASP A 307 5.32 2.30 12.94
CA ASP A 307 6.73 2.33 12.54
C ASP A 307 6.99 3.29 11.38
N LEU A 308 6.05 3.39 10.46
CA LEU A 308 6.25 4.18 9.24
C LEU A 308 5.58 5.55 9.29
N SER A 309 5.04 5.92 10.46
CA SER A 309 4.36 7.20 10.60
C SER A 309 5.28 8.29 11.14
N GLY A 310 6.57 7.99 11.23
CA GLY A 310 7.53 8.93 11.77
C GLY A 310 7.67 10.17 10.92
N PRO A 311 8.21 11.25 11.49
CA PRO A 311 8.45 12.50 10.78
C PRO A 311 9.33 12.31 9.55
N TYR A 312 10.31 11.41 9.65
CA TYR A 312 11.20 11.11 8.55
C TYR A 312 10.92 9.73 7.97
N ILE A 313 10.66 9.69 6.67
CA ILE A 313 10.32 8.43 6.01
C ILE A 313 11.24 8.15 4.82
N TRP A 314 11.20 6.93 4.32
CA TRP A 314 12.00 6.54 3.18
C TRP A 314 11.16 6.42 1.91
N VAL A 315 11.57 7.16 0.88
CA VAL A 315 10.83 7.25 -0.37
C VAL A 315 11.76 6.88 -1.52
N PRO A 316 11.19 6.36 -2.62
CA PRO A 316 12.03 5.95 -3.76
C PRO A 316 12.82 7.11 -4.37
N ALA A 317 13.99 6.81 -4.91
CA ALA A 317 14.87 7.83 -5.47
C ALA A 317 15.08 7.63 -6.97
N ARG A 318 15.91 8.49 -7.56
CA ARG A 318 16.20 8.42 -8.99
C ARG A 318 17.54 7.75 -9.23
N ARG B 1 -18.22 1.09 6.21
CA ARG B 1 -18.95 2.34 6.24
C ARG B 1 -18.35 3.35 5.28
N ILE B 2 -17.13 3.08 4.84
CA ILE B 2 -16.42 3.96 3.91
C ILE B 2 -16.59 3.48 2.48
N ARG B 3 -17.29 2.36 2.32
CA ARG B 3 -17.38 1.68 1.04
C ARG B 3 -18.61 2.09 0.23
N ARG B 4 -18.38 2.53 -0.99
CA ARG B 4 -19.45 2.82 -1.94
C ARG B 4 -19.35 1.86 -3.12
N GLU B 5 -20.33 0.98 -3.26
CA GLU B 5 -20.24 -0.07 -4.27
C GLU B 5 -20.43 0.48 -5.68
N GLU B 6 -21.09 1.62 -5.80
CA GLU B 6 -21.19 2.29 -7.10
C GLU B 6 -19.80 2.77 -7.51
N TYR B 7 -19.08 3.34 -6.56
CA TYR B 7 -17.70 3.75 -6.76
C TYR B 7 -16.83 2.55 -7.11
N ARG B 8 -17.03 1.44 -6.39
CA ARG B 8 -16.23 0.24 -6.60
C ARG B 8 -16.45 -0.36 -7.98
N ARG B 9 -17.70 -0.38 -8.42
CA ARG B 9 -18.03 -0.90 -9.74
C ARG B 9 -17.55 0.05 -10.84
N ALA B 10 -17.36 1.31 -10.47
CA ALA B 10 -16.80 2.30 -11.40
C ALA B 10 -15.31 2.10 -11.55
N ILE B 11 -14.65 1.78 -10.44
CA ILE B 11 -13.20 1.63 -10.43
C ILE B 11 -12.77 0.25 -10.94
N ASN B 12 -13.29 -0.81 -10.33
CA ASN B 12 -12.90 -2.16 -10.73
C ASN B 12 -13.61 -2.60 -12.01
N GLY B 13 -14.52 -1.75 -12.50
CA GLY B 13 -15.12 -1.97 -13.80
C GLY B 13 -14.17 -1.52 -14.89
N GLN B 14 -14.32 -0.27 -15.32
CA GLN B 14 -13.38 0.34 -16.25
C GLN B 14 -13.02 1.75 -15.78
N SER B 15 -11.72 2.01 -15.65
CA SER B 15 -11.26 3.22 -15.00
C SER B 15 -10.25 4.02 -15.82
N PHE B 16 -9.96 5.23 -15.34
CA PHE B 16 -9.20 6.22 -16.11
C PHE B 16 -7.73 6.21 -15.72
#